data_7OZF
#
_entry.id   7OZF
#
_cell.length_a   208.320
_cell.length_b   57.770
_cell.length_c   65.940
_cell.angle_alpha   90.000
_cell.angle_beta   107.170
_cell.angle_gamma   90.000
#
_symmetry.space_group_name_H-M   'C 1 2 1'
#
loop_
_entity.id
_entity.type
_entity.pdbx_description
1 polymer 'Fibroblast growth factor receptor 1'
2 non-polymer N-[6-(3-ethoxyphenyl)-1H-indazol-3-yl]benzamide
3 non-polymer 'SULFATE ION'
4 non-polymer 1,2-ETHANEDIOL
5 non-polymer 'CHLORIDE ION'
6 water water
#
_entity_poly.entity_id   1
_entity_poly.type   'polypeptide(L)'
_entity_poly.pdbx_seq_one_letter_code
;GAGVSEYELPEDPRWELPRDRLVLGKPLGEGAFGQVVLAEAIGLDKDKPNRVTKVAVKMLKSDATEKDLSDLISEMEMMK
MIGKHKNIINLLGACTQDGPLYVIVEYASKGNLREYLQARRPPGLEYSYNPSHNPEEQLSSKDLVSCAYQVARGMEYLAS
KKCIHRDLAARNVLVTEDNVMKIADFGLARDIHHIDYYKKTTNGRLPVKWMAPEALFDRIYTHQSDVWSFGVLLWEIFTL
GGSPYPGVPVEELFKLLKEGHRMDKPSNCTNELYMMMRDCWHAVPSQRPTFKQLVEDLDRIVALTSNQE
;
_entity_poly.pdbx_strand_id   AAA,BBB
#
# COMPACT_ATOMS: atom_id res chain seq x y z
N LEU A 9 25.52 -5.87 43.61
CA LEU A 9 24.97 -7.14 43.02
C LEU A 9 26.00 -8.25 43.20
N PRO A 10 25.58 -9.54 43.15
CA PRO A 10 26.50 -10.66 43.38
C PRO A 10 27.41 -10.92 42.16
N GLU A 11 28.67 -11.30 42.38
CA GLU A 11 29.62 -11.61 41.28
C GLU A 11 29.31 -13.01 40.73
N ASP A 12 28.93 -13.08 39.47
CA ASP A 12 28.72 -14.33 38.70
C ASP A 12 29.99 -14.61 37.91
N PRO A 13 30.88 -15.51 38.37
CA PRO A 13 32.18 -15.70 37.73
C PRO A 13 32.09 -16.44 36.40
N ARG A 14 30.90 -16.90 36.01
CA ARG A 14 30.65 -17.37 34.62
C ARG A 14 30.99 -16.19 33.69
N TRP A 15 30.40 -15.02 33.99
CA TRP A 15 30.24 -13.88 33.06
C TRP A 15 31.15 -12.68 33.42
N GLU A 16 31.84 -12.67 34.57
CA GLU A 16 32.51 -11.42 35.05
C GLU A 16 33.74 -11.11 34.18
N LEU A 17 33.84 -9.87 33.69
CA LEU A 17 35.07 -9.33 33.03
C LEU A 17 35.57 -8.14 33.86
N PRO A 18 36.88 -8.04 34.19
CA PRO A 18 37.37 -6.87 34.94
C PRO A 18 37.10 -5.57 34.16
N ARG A 19 36.74 -4.50 34.88
CA ARG A 19 36.36 -3.19 34.30
C ARG A 19 37.48 -2.64 33.41
N ASP A 20 38.73 -2.89 33.78
CA ASP A 20 39.89 -2.30 33.05
C ASP A 20 40.13 -3.04 31.73
N ARG A 21 39.36 -4.10 31.41
CA ARG A 21 39.49 -4.87 30.13
C ARG A 21 38.55 -4.29 29.07
N LEU A 22 37.77 -3.28 29.43
CA LEU A 22 36.72 -2.69 28.55
C LEU A 22 37.10 -1.25 28.23
N VAL A 23 37.29 -0.93 26.95
CA VAL A 23 37.55 0.46 26.46
C VAL A 23 36.26 0.99 25.82
N LEU A 24 35.51 1.84 26.54
CA LEU A 24 34.18 2.37 26.12
C LEU A 24 34.36 3.39 25.01
N GLY A 25 33.47 3.35 24.01
CA GLY A 25 33.49 4.25 22.84
C GLY A 25 32.18 4.98 22.66
N LYS A 26 31.81 5.25 21.42
CA LYS A 26 30.68 6.15 21.06
C LYS A 26 29.36 5.41 21.16
N PRO A 27 28.22 6.11 21.39
CA PRO A 27 26.90 5.47 21.42
C PRO A 27 26.53 4.81 20.08
N LEU A 28 25.47 4.00 20.05
CA LEU A 28 25.11 3.13 18.90
C LEU A 28 23.63 3.29 18.49
N GLY A 29 22.71 2.61 19.18
CA GLY A 29 21.37 2.22 18.67
C GLY A 29 20.30 3.30 18.80
N GLU A 30 20.66 4.58 18.60
CA GLU A 30 19.74 5.76 18.56
C GLU A 30 19.01 5.94 19.90
N GLY A 31 19.42 5.20 20.95
CA GLY A 31 18.73 5.16 22.25
C GLY A 31 17.58 4.17 22.28
N ALA A 32 17.23 3.56 21.13
CA ALA A 32 16.07 2.65 20.97
C ALA A 32 16.12 1.53 22.02
N PHE A 33 17.30 0.95 22.28
CA PHE A 33 17.51 -0.19 23.21
C PHE A 33 18.13 0.28 24.52
N GLY A 34 17.96 1.56 24.87
CA GLY A 34 18.59 2.18 26.05
C GLY A 34 20.00 2.65 25.76
N GLN A 35 20.80 2.90 26.79
CA GLN A 35 22.18 3.43 26.61
C GLN A 35 23.10 2.27 26.20
N VAL A 36 23.37 2.14 24.90
CA VAL A 36 24.26 1.10 24.31
C VAL A 36 25.44 1.80 23.64
N VAL A 37 26.66 1.31 23.91
CA VAL A 37 27.91 1.95 23.41
C VAL A 37 28.77 0.88 22.75
N LEU A 38 29.49 1.27 21.69
CA LEU A 38 30.58 0.45 21.12
C LEU A 38 31.71 0.45 22.16
N ALA A 39 32.35 -0.70 22.37
CA ALA A 39 33.53 -0.83 23.25
C ALA A 39 34.49 -1.83 22.63
N GLU A 40 35.73 -1.85 23.14
CA GLU A 40 36.73 -2.89 22.84
C GLU A 40 36.97 -3.71 24.11
N ALA A 41 36.82 -5.04 24.02
CA ALA A 41 37.08 -6.00 25.11
C ALA A 41 38.46 -6.61 24.89
N ILE A 42 39.37 -6.41 25.85
CA ILE A 42 40.70 -7.08 25.87
C ILE A 42 40.54 -8.40 26.64
N GLY A 43 40.95 -9.51 26.02
CA GLY A 43 41.03 -10.82 26.71
C GLY A 43 39.67 -11.24 27.20
N LEU A 44 38.66 -11.03 26.36
CA LEU A 44 37.26 -11.48 26.56
C LEU A 44 37.31 -13.00 26.68
N ASP A 45 37.99 -13.66 25.73
CA ASP A 45 38.31 -15.11 25.78
C ASP A 45 39.52 -15.27 26.72
N LYS A 46 39.35 -15.97 27.85
CA LYS A 46 40.43 -16.35 28.81
C LYS A 46 41.55 -17.07 28.04
N ASP A 47 41.17 -17.86 27.02
CA ASP A 47 42.07 -18.58 26.09
C ASP A 47 42.98 -17.61 25.31
N LYS A 48 42.57 -16.36 25.08
CA LYS A 48 43.30 -15.39 24.18
C LYS A 48 43.37 -13.98 24.79
N PRO A 49 44.23 -13.73 25.80
CA PRO A 49 44.19 -12.47 26.55
C PRO A 49 44.79 -11.22 25.90
N ASN A 50 45.44 -11.31 24.74
CA ASN A 50 46.11 -10.18 24.03
C ASN A 50 45.30 -9.71 22.81
N ARG A 51 44.07 -10.20 22.65
CA ARG A 51 43.18 -9.96 21.48
C ARG A 51 42.09 -8.98 21.91
N VAL A 52 41.80 -7.94 21.11
CA VAL A 52 40.64 -7.04 21.35
C VAL A 52 39.46 -7.50 20.49
N THR A 53 38.27 -7.51 21.07
CA THR A 53 36.99 -7.78 20.38
C THR A 53 36.13 -6.52 20.48
N LYS A 54 35.62 -6.01 19.35
CA LYS A 54 34.54 -5.00 19.36
C LYS A 54 33.28 -5.66 19.90
N VAL A 55 32.63 -5.01 20.86
CA VAL A 55 31.42 -5.49 21.57
C VAL A 55 30.49 -4.29 21.78
N ALA A 56 29.23 -4.58 22.10
CA ALA A 56 28.22 -3.56 22.46
C ALA A 56 28.00 -3.66 23.97
N VAL A 57 27.99 -2.52 24.67
CA VAL A 57 27.86 -2.48 26.15
C VAL A 57 26.56 -1.72 26.45
N LYS A 58 25.67 -2.35 27.20
CA LYS A 58 24.44 -1.71 27.72
C LYS A 58 24.66 -1.33 29.19
N MET A 59 24.27 -0.11 29.54
CA MET A 59 24.44 0.46 30.90
C MET A 59 23.24 1.36 31.22
N LEU A 60 23.15 1.83 32.46
CA LEU A 60 22.07 2.74 32.93
C LEU A 60 22.38 4.18 32.51
N LYS A 61 21.35 4.94 32.14
CA LYS A 61 21.45 6.40 31.84
C LYS A 61 21.63 7.14 33.18
N SER A 62 22.00 8.43 33.12
CA SER A 62 22.30 9.29 34.29
C SER A 62 21.14 9.24 35.30
N ASP A 63 19.92 9.52 34.84
CA ASP A 63 18.72 9.70 35.70
C ASP A 63 17.92 8.40 35.79
N ALA A 64 18.60 7.24 35.82
CA ALA A 64 17.98 5.89 35.82
C ALA A 64 17.33 5.62 37.18
N THR A 65 16.13 5.02 37.16
CA THR A 65 15.32 4.67 38.36
C THR A 65 15.74 3.28 38.87
N GLU A 66 15.11 2.78 39.93
CA GLU A 66 15.38 1.45 40.52
C GLU A 66 14.81 0.37 39.58
N LYS A 67 13.64 0.62 38.98
CA LYS A 67 12.99 -0.28 38.00
C LYS A 67 13.93 -0.45 36.80
N ASP A 68 14.41 0.67 36.23
CA ASP A 68 15.37 0.72 35.11
C ASP A 68 16.53 -0.25 35.39
N LEU A 69 17.12 -0.19 36.58
CA LEU A 69 18.21 -1.12 37.00
C LEU A 69 17.68 -2.56 37.00
N SER A 70 16.48 -2.78 37.55
CA SER A 70 15.86 -4.12 37.68
C SER A 70 15.69 -4.75 36.29
N ASP A 71 15.24 -3.96 35.31
CA ASP A 71 15.01 -4.37 33.90
C ASP A 71 16.33 -4.82 33.26
N LEU A 72 17.41 -4.05 33.44
CA LEU A 72 18.76 -4.38 32.89
C LEU A 72 19.22 -5.74 33.44
N ILE A 73 19.10 -5.95 34.76
CA ILE A 73 19.54 -7.20 35.44
C ILE A 73 18.71 -8.38 34.91
N SER A 74 17.39 -8.20 34.84
CA SER A 74 16.43 -9.19 34.30
C SER A 74 16.87 -9.62 32.89
N GLU A 75 17.10 -8.64 32.00
CA GLU A 75 17.49 -8.88 30.58
C GLU A 75 18.75 -9.74 30.52
N MET A 76 19.78 -9.42 31.31
CA MET A 76 21.05 -10.19 31.37
C MET A 76 20.79 -11.64 31.86
N GLU A 77 19.95 -11.81 32.87
CA GLU A 77 19.69 -13.14 33.50
C GLU A 77 19.00 -14.06 32.47
N MET A 78 18.03 -13.51 31.75
CA MET A 78 17.32 -14.21 30.65
C MET A 78 18.33 -14.72 29.61
N MET A 79 19.29 -13.88 29.21
CA MET A 79 20.28 -14.22 28.15
C MET A 79 21.18 -15.36 28.61
N LYS A 80 21.57 -15.41 29.90
CA LYS A 80 22.34 -16.58 30.42
C LYS A 80 21.48 -17.85 30.25
N MET A 81 20.23 -17.78 30.67
CA MET A 81 19.27 -18.91 30.63
C MET A 81 19.10 -19.40 29.18
N ILE A 82 18.94 -18.47 28.23
CA ILE A 82 18.53 -18.81 26.82
C ILE A 82 19.69 -19.50 26.10
N GLY A 83 20.94 -19.09 26.36
CA GLY A 83 22.12 -19.74 25.76
C GLY A 83 22.37 -19.25 24.33
N LYS A 84 23.37 -19.84 23.69
CA LYS A 84 24.04 -19.29 22.48
C LYS A 84 23.37 -19.80 21.21
N HIS A 85 23.21 -18.90 20.24
CA HIS A 85 22.83 -19.26 18.84
C HIS A 85 23.46 -18.24 17.88
N LYS A 86 23.89 -18.72 16.72
CA LYS A 86 24.43 -17.90 15.58
C LYS A 86 23.51 -16.69 15.30
N ASN A 87 22.18 -16.86 15.32
CA ASN A 87 21.24 -15.84 14.79
C ASN A 87 20.50 -15.11 15.90
N ILE A 88 21.12 -14.99 17.08
CA ILE A 88 20.68 -14.05 18.14
C ILE A 88 21.89 -13.24 18.62
N ILE A 89 21.64 -12.08 19.21
CA ILE A 89 22.68 -11.26 19.89
C ILE A 89 23.04 -12.00 21.17
N ASN A 90 24.28 -12.48 21.28
CA ASN A 90 24.73 -13.35 22.40
C ASN A 90 25.35 -12.50 23.51
N LEU A 91 25.11 -12.88 24.76
CA LEU A 91 25.78 -12.34 25.97
C LEU A 91 27.24 -12.80 25.91
N LEU A 92 28.19 -11.88 26.15
CA LEU A 92 29.65 -12.19 26.12
C LEU A 92 30.24 -12.01 27.53
N GLY A 93 29.65 -11.20 28.39
CA GLY A 93 30.18 -10.96 29.75
C GLY A 93 29.45 -9.83 30.43
N ALA A 94 29.95 -9.43 31.62
CA ALA A 94 29.36 -8.33 32.41
C ALA A 94 30.42 -7.77 33.38
N CYS A 95 30.33 -6.48 33.65
CA CYS A 95 31.05 -5.76 34.74
C CYS A 95 30.02 -5.39 35.81
N THR A 96 29.95 -6.17 36.88
CA THR A 96 28.89 -6.08 37.93
C THR A 96 29.46 -5.45 39.21
N GLN A 97 30.75 -5.68 39.48
CA GLN A 97 31.44 -5.30 40.73
C GLN A 97 32.18 -3.96 40.55
N ASP A 98 32.06 -3.06 41.53
CA ASP A 98 32.97 -1.90 41.73
C ASP A 98 32.75 -0.88 40.61
N GLY A 99 31.49 -0.50 40.37
CA GLY A 99 31.13 0.53 39.38
C GLY A 99 29.77 0.27 38.75
N PRO A 100 29.38 1.05 37.71
CA PRO A 100 28.07 0.90 37.09
C PRO A 100 27.97 -0.46 36.38
N LEU A 101 26.79 -1.10 36.40
CA LEU A 101 26.55 -2.40 35.71
C LEU A 101 26.83 -2.21 34.22
N TYR A 102 27.70 -3.05 33.64
CA TYR A 102 27.91 -3.15 32.17
C TYR A 102 27.51 -4.56 31.72
N VAL A 103 26.56 -4.66 30.78
CA VAL A 103 26.23 -5.96 30.11
C VAL A 103 26.84 -5.93 28.71
N ILE A 104 27.75 -6.87 28.44
CA ILE A 104 28.56 -6.93 27.20
C ILE A 104 27.92 -7.95 26.24
N VAL A 105 27.53 -7.52 25.05
CA VAL A 105 26.85 -8.39 24.04
C VAL A 105 27.56 -8.24 22.70
N GLU A 106 27.19 -9.09 21.74
CA GLU A 106 27.82 -9.09 20.41
C GLU A 106 27.52 -7.76 19.72
N TYR A 107 28.49 -7.28 18.96
CA TYR A 107 28.39 -6.04 18.15
C TYR A 107 28.05 -6.44 16.73
N ALA A 108 27.03 -5.79 16.18
CA ALA A 108 26.55 -5.95 14.80
C ALA A 108 26.81 -4.63 14.08
N SER A 109 27.86 -4.59 13.26
CA SER A 109 28.46 -3.33 12.72
C SER A 109 27.61 -2.77 11.59
N LYS A 110 26.73 -3.57 10.96
CA LYS A 110 25.91 -3.03 9.82
C LYS A 110 24.52 -2.60 10.28
N GLY A 111 24.27 -2.48 11.60
CA GLY A 111 23.05 -1.89 12.17
C GLY A 111 21.81 -2.77 12.00
N ASN A 112 20.60 -2.22 12.12
CA ASN A 112 19.34 -3.00 12.06
C ASN A 112 19.00 -3.33 10.61
N LEU A 113 18.19 -4.37 10.42
CA LEU A 113 17.91 -4.95 9.09
C LEU A 113 17.12 -3.95 8.24
N ARG A 114 16.24 -3.15 8.85
CA ARG A 114 15.47 -2.11 8.11
C ARG A 114 16.48 -1.13 7.46
N GLU A 115 17.41 -0.60 8.24
CA GLU A 115 18.47 0.34 7.74
C GLU A 115 19.27 -0.37 6.63
N TYR A 116 19.70 -1.59 6.89
CA TYR A 116 20.57 -2.42 6.01
C TYR A 116 19.92 -2.62 4.63
N LEU A 117 18.61 -2.92 4.62
CA LEU A 117 17.84 -3.15 3.37
C LEU A 117 17.67 -1.83 2.61
N GLN A 118 17.27 -0.77 3.31
CA GLN A 118 17.01 0.57 2.73
C GLN A 118 18.29 1.09 2.06
N ALA A 119 19.45 0.88 2.68
CA ALA A 119 20.77 1.35 2.19
C ALA A 119 21.16 0.58 0.93
N ARG A 120 20.54 -0.56 0.64
CA ARG A 120 20.89 -1.41 -0.53
C ARG A 120 19.76 -1.43 -1.57
N ARG A 121 18.83 -0.46 -1.50
CA ARG A 121 17.80 -0.27 -2.55
C ARG A 121 18.49 0.07 -3.87
N PRO A 122 17.91 -0.28 -5.04
CA PRO A 122 18.45 0.17 -6.32
C PRO A 122 18.40 1.70 -6.43
N PRO A 123 19.29 2.32 -7.23
CA PRO A 123 19.36 3.78 -7.35
C PRO A 123 18.03 4.49 -7.65
N GLY A 124 17.90 5.73 -7.19
CA GLY A 124 16.76 6.63 -7.48
C GLY A 124 16.90 7.29 -8.83
N HIS A 133 20.18 8.91 -4.55
CA HIS A 133 20.49 7.58 -3.95
C HIS A 133 21.30 6.74 -4.95
N ASN A 134 22.57 6.48 -4.63
CA ASN A 134 23.47 5.56 -5.39
C ASN A 134 24.21 4.70 -4.36
N PRO A 135 23.78 3.44 -4.12
CA PRO A 135 24.37 2.59 -3.09
C PRO A 135 25.68 1.91 -3.52
N GLU A 136 26.47 1.42 -2.56
CA GLU A 136 27.77 0.73 -2.80
C GLU A 136 27.58 -0.79 -2.83
N GLU A 137 26.45 -1.32 -2.33
CA GLU A 137 26.15 -2.78 -2.28
C GLU A 137 24.69 -3.03 -2.71
N GLN A 138 24.42 -4.19 -3.33
CA GLN A 138 23.08 -4.59 -3.84
C GLN A 138 22.85 -6.08 -3.53
N LEU A 139 21.60 -6.43 -3.21
CA LEU A 139 21.24 -7.79 -2.70
C LEU A 139 20.55 -8.59 -3.82
N SER A 140 20.97 -9.84 -4.01
CA SER A 140 20.31 -10.79 -4.94
C SER A 140 19.01 -11.30 -4.30
N SER A 141 18.15 -11.95 -5.09
CA SER A 141 16.93 -12.65 -4.61
C SER A 141 17.34 -13.71 -3.57
N LYS A 142 18.42 -14.45 -3.81
CA LYS A 142 18.92 -15.48 -2.85
C LYS A 142 19.30 -14.84 -1.52
N ASP A 143 19.96 -13.67 -1.55
CA ASP A 143 20.38 -12.90 -0.34
C ASP A 143 19.15 -12.56 0.50
N LEU A 144 18.06 -12.11 -0.14
CA LEU A 144 16.81 -11.70 0.57
C LEU A 144 16.22 -12.93 1.29
N VAL A 145 16.13 -14.06 0.60
CA VAL A 145 15.52 -15.30 1.17
C VAL A 145 16.42 -15.80 2.29
N SER A 146 17.74 -15.76 2.08
CA SER A 146 18.77 -16.13 3.07
C SER A 146 18.61 -15.31 4.36
N CYS A 147 18.30 -14.02 4.22
N CYS A 147 18.35 -14.00 4.24
CA CYS A 147 18.01 -13.11 5.35
CA CYS A 147 18.01 -13.11 5.38
C CYS A 147 16.78 -13.60 6.12
C CYS A 147 16.81 -13.72 6.13
N ALA A 148 15.74 -14.05 5.41
CA ALA A 148 14.48 -14.58 6.00
C ALA A 148 14.81 -15.89 6.73
N TYR A 149 15.59 -16.76 6.11
CA TYR A 149 15.98 -18.08 6.68
C TYR A 149 16.71 -17.85 8.02
N GLN A 150 17.62 -16.89 8.06
CA GLN A 150 18.46 -16.65 9.27
C GLN A 150 17.59 -16.16 10.43
N VAL A 151 16.68 -15.22 10.18
CA VAL A 151 15.72 -14.75 11.21
C VAL A 151 14.86 -15.93 11.71
N ALA A 152 14.33 -16.75 10.78
CA ALA A 152 13.48 -17.92 11.14
C ALA A 152 14.28 -18.87 12.04
N ARG A 153 15.55 -19.12 11.74
CA ARG A 153 16.43 -20.02 12.53
C ARG A 153 16.64 -19.46 13.93
N GLY A 154 16.94 -18.17 14.06
CA GLY A 154 17.04 -17.49 15.36
C GLY A 154 15.74 -17.62 16.15
N MET A 155 14.62 -17.43 15.48
CA MET A 155 13.29 -17.48 16.15
C MET A 155 12.98 -18.93 16.55
N GLU A 156 13.36 -19.92 15.73
CA GLU A 156 13.16 -21.36 16.02
C GLU A 156 13.95 -21.69 17.29
N TYR A 157 15.15 -21.11 17.43
CA TYR A 157 16.02 -21.35 18.60
C TYR A 157 15.33 -20.77 19.83
N LEU A 158 14.96 -19.49 19.77
CA LEU A 158 14.29 -18.78 20.90
C LEU A 158 12.99 -19.50 21.31
N ALA A 159 12.16 -19.90 20.34
CA ALA A 159 10.91 -20.66 20.66
C ALA A 159 11.27 -21.97 21.38
N SER A 160 12.32 -22.66 20.96
CA SER A 160 12.77 -23.95 21.55
C SER A 160 13.17 -23.73 23.02
N LYS A 161 13.61 -22.51 23.36
CA LYS A 161 13.98 -22.12 24.75
C LYS A 161 12.80 -21.44 25.44
N LYS A 162 11.60 -21.51 24.85
CA LYS A 162 10.33 -21.05 25.48
C LYS A 162 10.29 -19.53 25.61
N CYS A 163 11.03 -18.83 24.76
CA CYS A 163 11.14 -17.34 24.72
C CYS A 163 10.15 -16.82 23.68
N ILE A 164 9.20 -15.98 24.09
CA ILE A 164 8.28 -15.25 23.18
C ILE A 164 8.84 -13.84 23.03
N HIS A 165 9.04 -13.40 21.78
CA HIS A 165 9.76 -12.14 21.48
C HIS A 165 8.86 -10.97 21.83
N ARG A 166 7.65 -10.97 21.25
CA ARG A 166 6.58 -9.96 21.44
C ARG A 166 6.79 -8.72 20.55
N ASP A 167 7.99 -8.51 19.96
CA ASP A 167 8.23 -7.34 19.05
C ASP A 167 9.17 -7.73 17.91
N LEU A 168 8.91 -8.85 17.26
CA LEU A 168 9.72 -9.28 16.10
C LEU A 168 9.42 -8.29 14.97
N ALA A 169 10.48 -7.70 14.41
CA ALA A 169 10.42 -6.64 13.37
C ALA A 169 11.83 -6.43 12.86
N ALA A 170 12.00 -5.98 11.62
CA ALA A 170 13.33 -5.79 11.02
C ALA A 170 14.16 -4.86 11.94
N ARG A 171 13.53 -3.92 12.65
CA ARG A 171 14.23 -2.94 13.55
C ARG A 171 14.90 -3.68 14.72
N ASN A 172 14.45 -4.90 15.06
CA ASN A 172 14.97 -5.69 16.20
C ASN A 172 15.81 -6.85 15.69
N VAL A 173 16.18 -6.83 14.41
CA VAL A 173 17.18 -7.76 13.81
C VAL A 173 18.41 -6.93 13.47
N LEU A 174 19.58 -7.37 13.90
CA LEU A 174 20.85 -6.61 13.68
C LEU A 174 21.70 -7.41 12.72
N VAL A 175 22.54 -6.73 11.94
CA VAL A 175 23.38 -7.38 10.89
C VAL A 175 24.87 -7.17 11.24
N THR A 176 25.65 -8.24 11.26
CA THR A 176 27.10 -8.22 11.61
C THR A 176 27.94 -7.82 10.38
N GLU A 177 29.24 -7.59 10.61
CA GLU A 177 30.22 -7.27 9.53
C GLU A 177 30.13 -8.35 8.45
N ASP A 178 29.80 -9.59 8.83
CA ASP A 178 29.77 -10.76 7.91
C ASP A 178 28.34 -11.04 7.41
N ASN A 179 27.44 -10.06 7.52
CA ASN A 179 26.03 -10.14 7.02
C ASN A 179 25.29 -11.29 7.71
N VAL A 180 25.59 -11.59 8.98
CA VAL A 180 24.80 -12.56 9.79
C VAL A 180 23.63 -11.79 10.40
N MET A 181 22.42 -12.32 10.30
CA MET A 181 21.21 -11.74 10.93
C MET A 181 21.19 -12.17 12.41
N LYS A 182 20.98 -11.23 13.34
CA LYS A 182 20.91 -11.54 14.79
C LYS A 182 19.67 -10.88 15.38
N ILE A 183 18.78 -11.70 15.93
CA ILE A 183 17.60 -11.22 16.71
C ILE A 183 18.12 -10.52 17.96
N ALA A 184 17.64 -9.32 18.23
CA ALA A 184 17.98 -8.49 19.40
C ALA A 184 16.72 -8.28 20.23
N ASP A 185 16.89 -7.89 21.48
CA ASP A 185 15.83 -7.36 22.37
C ASP A 185 14.81 -8.48 22.66
N PHE A 186 15.30 -9.71 22.80
CA PHE A 186 14.47 -10.92 23.07
C PHE A 186 14.46 -11.20 24.57
N GLY A 187 15.26 -10.46 25.36
CA GLY A 187 15.49 -10.77 26.78
C GLY A 187 14.60 -9.97 27.72
N LEU A 188 13.89 -8.95 27.20
CA LEU A 188 13.01 -8.05 27.99
C LEU A 188 11.59 -8.61 27.97
N ALA A 189 10.89 -8.62 29.11
CA ALA A 189 9.44 -8.92 29.22
C ALA A 189 8.72 -7.78 29.95
N ILE A 195 1.86 -1.03 27.66
CA ILE A 195 2.00 -0.94 26.17
C ILE A 195 1.14 0.24 25.68
N ASP A 196 1.79 1.31 25.19
CA ASP A 196 1.12 2.50 24.62
C ASP A 196 1.01 2.34 23.10
N TYR A 197 -0.18 2.01 22.59
CA TYR A 197 -0.45 1.70 21.16
C TYR A 197 -0.14 2.90 20.26
N TYR A 198 -0.01 4.12 20.79
CA TYR A 198 0.25 5.36 20.02
C TYR A 198 1.74 5.73 20.04
N LYS A 199 2.54 5.13 20.93
CA LYS A 199 4.01 5.39 21.00
C LYS A 199 4.65 4.91 19.70
N LYS A 200 5.45 5.76 19.03
CA LYS A 200 6.12 5.44 17.75
C LYS A 200 7.58 5.05 17.99
N THR A 201 8.21 4.44 16.99
CA THR A 201 9.64 4.03 17.00
C THR A 201 10.52 5.27 16.79
N THR A 202 11.81 5.16 17.09
CA THR A 202 12.90 6.09 16.68
C THR A 202 12.66 6.58 15.24
N ASN A 203 12.18 5.69 14.35
CA ASN A 203 12.02 5.92 12.89
C ASN A 203 10.63 6.52 12.56
N GLY A 204 9.71 6.60 13.52
CA GLY A 204 8.38 7.23 13.34
C GLY A 204 7.25 6.25 12.97
N ARG A 205 7.47 4.93 13.10
CA ARG A 205 6.43 3.91 12.76
C ARG A 205 5.77 3.41 14.05
N LEU A 206 4.60 2.77 13.90
CA LEU A 206 3.77 2.26 15.03
C LEU A 206 3.97 0.75 15.18
N PRO A 207 4.57 0.29 16.30
CA PRO A 207 4.77 -1.13 16.55
C PRO A 207 3.51 -2.01 16.50
N VAL A 208 2.32 -1.45 16.75
CA VAL A 208 1.04 -2.23 16.70
C VAL A 208 0.90 -2.87 15.31
N LYS A 209 1.57 -2.33 14.28
CA LYS A 209 1.42 -2.83 12.89
C LYS A 209 2.13 -4.19 12.71
N TRP A 210 2.90 -4.66 13.70
CA TRP A 210 3.53 -6.01 13.65
C TRP A 210 2.78 -7.02 14.53
N MET A 211 1.77 -6.59 15.28
CA MET A 211 1.12 -7.41 16.33
C MET A 211 0.01 -8.27 15.76
N ALA A 212 -0.04 -9.55 16.16
CA ALA A 212 -1.17 -10.45 15.85
C ALA A 212 -2.44 -9.86 16.45
N PRO A 213 -3.61 -10.07 15.81
CA PRO A 213 -4.87 -9.56 16.36
C PRO A 213 -5.13 -10.04 17.80
N GLU A 214 -4.81 -11.29 18.13
CA GLU A 214 -5.08 -11.85 19.49
C GLU A 214 -4.16 -11.17 20.51
N ALA A 215 -2.95 -10.78 20.11
CA ALA A 215 -2.01 -10.03 20.98
C ALA A 215 -2.53 -8.60 21.17
N LEU A 216 -2.96 -7.97 20.07
CA LEU A 216 -3.44 -6.57 20.02
C LEU A 216 -4.76 -6.45 20.78
N PHE A 217 -5.73 -7.33 20.53
CA PHE A 217 -7.11 -7.18 21.08
C PHE A 217 -7.24 -7.89 22.45
N ASP A 218 -6.66 -9.07 22.62
CA ASP A 218 -6.88 -9.94 23.81
C ASP A 218 -5.60 -10.04 24.67
N ARG A 219 -4.55 -9.28 24.36
CA ARG A 219 -3.25 -9.27 25.08
C ARG A 219 -2.71 -10.69 25.22
N ILE A 220 -3.04 -11.59 24.29
CA ILE A 220 -2.53 -12.99 24.29
C ILE A 220 -1.32 -13.09 23.34
N TYR A 221 -0.15 -13.37 23.92
CA TYR A 221 1.16 -13.45 23.23
C TYR A 221 1.63 -14.90 23.27
N THR A 222 1.89 -15.49 22.11
CA THR A 222 2.36 -16.88 21.99
C THR A 222 3.47 -16.91 20.94
N HIS A 223 4.10 -18.08 20.75
CA HIS A 223 4.97 -18.33 19.58
C HIS A 223 4.16 -18.06 18.30
N GLN A 224 2.83 -18.29 18.35
CA GLN A 224 1.96 -18.15 17.14
C GLN A 224 1.83 -16.68 16.80
N SER A 225 1.80 -15.78 17.81
CA SER A 225 1.70 -14.32 17.56
C SER A 225 3.06 -13.81 17.03
N ASP A 226 4.16 -14.40 17.44
CA ASP A 226 5.51 -14.10 16.87
C ASP A 226 5.58 -14.55 15.40
N VAL A 227 4.91 -15.64 15.02
CA VAL A 227 4.89 -16.09 13.59
C VAL A 227 4.16 -15.01 12.77
N TRP A 228 3.04 -14.46 13.25
CA TRP A 228 2.33 -13.33 12.60
C TRP A 228 3.30 -12.16 12.35
N SER A 229 4.05 -11.76 13.38
CA SER A 229 5.07 -10.69 13.29
C SER A 229 6.10 -11.06 12.24
N PHE A 230 6.49 -12.34 12.20
CA PHE A 230 7.49 -12.83 11.22
C PHE A 230 6.95 -12.67 9.79
N GLY A 231 5.66 -12.83 9.60
CA GLY A 231 4.97 -12.51 8.33
C GLY A 231 5.17 -11.07 7.93
N VAL A 232 4.96 -10.12 8.86
CA VAL A 232 5.19 -8.67 8.61
C VAL A 232 6.67 -8.46 8.28
N LEU A 233 7.58 -9.11 9.00
CA LEU A 233 9.05 -9.01 8.76
C LEU A 233 9.42 -9.50 7.35
N LEU A 234 8.86 -10.63 6.90
CA LEU A 234 9.03 -11.11 5.51
C LEU A 234 8.65 -10.00 4.51
N TRP A 235 7.50 -9.37 4.74
CA TRP A 235 6.99 -8.25 3.92
C TRP A 235 8.01 -7.08 3.94
N GLU A 236 8.59 -6.76 5.09
CA GLU A 236 9.66 -5.73 5.21
C GLU A 236 10.87 -6.11 4.37
N ILE A 237 11.28 -7.38 4.41
CA ILE A 237 12.46 -7.87 3.65
C ILE A 237 12.19 -7.68 2.15
N PHE A 238 11.08 -8.18 1.64
CA PHE A 238 10.78 -8.17 0.18
C PHE A 238 10.41 -6.76 -0.31
N THR A 239 10.04 -5.82 0.56
CA THR A 239 9.91 -4.39 0.16
C THR A 239 11.23 -3.64 0.38
N LEU A 240 12.32 -4.34 0.73
CA LEU A 240 13.64 -3.72 1.05
C LEU A 240 13.49 -2.63 2.12
N GLY A 241 12.84 -2.95 3.25
CA GLY A 241 12.70 -2.00 4.37
C GLY A 241 11.47 -1.13 4.22
N GLY A 242 10.45 -1.61 3.51
CA GLY A 242 9.20 -0.85 3.34
C GLY A 242 8.49 -0.66 4.66
N SER A 243 7.64 0.36 4.76
CA SER A 243 6.85 0.70 5.96
C SER A 243 5.46 0.08 5.86
N PRO A 244 5.07 -0.90 6.69
CA PRO A 244 3.72 -1.46 6.60
C PRO A 244 2.61 -0.45 6.92
N TYR A 245 1.54 -0.46 6.13
CA TYR A 245 0.35 0.42 6.30
C TYR A 245 0.80 1.88 6.42
N PRO A 246 1.49 2.46 5.43
CA PRO A 246 1.97 3.84 5.55
C PRO A 246 0.74 4.78 5.62
N GLY A 247 0.76 5.74 6.54
CA GLY A 247 -0.30 6.77 6.72
C GLY A 247 -1.52 6.25 7.45
N VAL A 248 -1.47 5.02 7.98
CA VAL A 248 -2.62 4.39 8.69
C VAL A 248 -2.43 4.61 10.19
N PRO A 249 -3.37 5.35 10.85
CA PRO A 249 -3.33 5.50 12.30
C PRO A 249 -3.92 4.28 13.02
N VAL A 250 -3.69 4.22 14.33
CA VAL A 250 -4.05 3.07 15.20
C VAL A 250 -5.52 2.68 15.01
N GLU A 251 -6.46 3.63 15.08
CA GLU A 251 -7.91 3.32 15.03
C GLU A 251 -8.27 2.68 13.69
N GLU A 252 -7.65 3.16 12.59
CA GLU A 252 -7.90 2.62 11.23
C GLU A 252 -7.27 1.24 11.10
N LEU A 253 -6.11 1.04 11.71
CA LEU A 253 -5.46 -0.30 11.69
C LEU A 253 -6.40 -1.32 12.35
N PHE A 254 -6.97 -1.00 13.51
CA PHE A 254 -7.93 -1.89 14.23
C PHE A 254 -9.03 -2.33 13.27
N LYS A 255 -9.64 -1.39 12.55
CA LYS A 255 -10.74 -1.68 11.60
C LYS A 255 -10.22 -2.58 10.47
N LEU A 256 -9.04 -2.29 9.92
CA LEU A 256 -8.42 -3.15 8.88
C LEU A 256 -8.34 -4.59 9.40
N LEU A 257 -7.84 -4.81 10.62
CA LEU A 257 -7.65 -6.18 11.15
C LEU A 257 -9.02 -6.87 11.37
N LYS A 258 -10.00 -6.15 11.91
CA LYS A 258 -11.36 -6.71 12.17
C LYS A 258 -11.99 -7.18 10.84
N GLU A 259 -11.79 -6.43 9.76
CA GLU A 259 -12.32 -6.74 8.39
C GLU A 259 -11.49 -7.85 7.74
N GLY A 260 -10.37 -8.24 8.32
CA GLY A 260 -9.50 -9.29 7.77
C GLY A 260 -8.68 -8.80 6.59
N HIS A 261 -8.33 -7.51 6.54
CA HIS A 261 -7.42 -6.95 5.50
C HIS A 261 -6.06 -7.67 5.59
N ARG A 262 -5.42 -7.85 4.44
CA ARG A 262 -4.05 -8.43 4.33
C ARG A 262 -3.27 -7.59 3.31
N MET A 263 -2.04 -7.23 3.64
CA MET A 263 -1.19 -6.37 2.79
C MET A 263 -1.03 -7.03 1.43
N ASP A 264 -0.84 -6.20 0.40
CA ASP A 264 -0.60 -6.60 -1.01
C ASP A 264 0.73 -7.34 -1.11
N LYS A 265 0.87 -8.18 -2.12
CA LYS A 265 2.14 -8.85 -2.48
C LYS A 265 3.12 -7.80 -2.97
N PRO A 266 4.33 -7.70 -2.37
CA PRO A 266 5.37 -6.81 -2.90
C PRO A 266 5.77 -7.20 -4.33
N SER A 267 6.19 -6.24 -5.15
CA SER A 267 6.82 -6.55 -6.45
C SER A 267 8.12 -7.30 -6.15
N ASN A 268 8.64 -8.10 -7.07
CA ASN A 268 9.94 -8.78 -6.83
C ASN A 268 9.79 -9.69 -5.59
N CYS A 269 8.66 -10.38 -5.50
CA CYS A 269 8.37 -11.41 -4.48
C CYS A 269 7.59 -12.53 -5.18
N THR A 270 7.99 -13.79 -5.00
CA THR A 270 7.39 -14.96 -5.69
C THR A 270 6.01 -15.24 -5.09
N ASN A 271 5.17 -15.98 -5.79
CA ASN A 271 3.82 -16.37 -5.30
C ASN A 271 4.03 -17.22 -4.05
N GLU A 272 5.08 -18.02 -4.03
CA GLU A 272 5.40 -18.97 -2.94
C GLU A 272 5.73 -18.20 -1.65
N LEU A 273 6.53 -17.14 -1.72
CA LEU A 273 6.87 -16.32 -0.52
C LEU A 273 5.66 -15.51 -0.05
N TYR A 274 4.83 -14.99 -0.96
CA TYR A 274 3.60 -14.26 -0.57
C TYR A 274 2.64 -15.22 0.14
N MET A 275 2.49 -16.46 -0.35
CA MET A 275 1.63 -17.48 0.33
C MET A 275 2.19 -17.82 1.73
N MET A 276 3.51 -17.88 1.90
CA MET A 276 4.16 -18.04 3.22
C MET A 276 3.75 -16.88 4.15
N MET A 277 3.79 -15.63 3.65
CA MET A 277 3.36 -14.43 4.40
C MET A 277 1.90 -14.58 4.82
N ARG A 278 1.03 -14.92 3.88
CA ARG A 278 -0.41 -15.11 4.16
C ARG A 278 -0.61 -16.24 5.19
N ASP A 279 0.17 -17.32 5.14
CA ASP A 279 0.05 -18.45 6.11
C ASP A 279 0.45 -17.95 7.52
N CYS A 280 1.50 -17.13 7.61
CA CYS A 280 1.91 -16.47 8.88
C CYS A 280 0.76 -15.59 9.41
N TRP A 281 -0.05 -15.03 8.51
CA TRP A 281 -1.16 -14.12 8.88
C TRP A 281 -2.50 -14.86 8.96
N HIS A 282 -2.50 -16.17 9.21
CA HIS A 282 -3.77 -16.93 9.42
C HIS A 282 -4.55 -16.29 10.56
N ALA A 283 -5.83 -16.00 10.37
CA ALA A 283 -6.74 -15.51 11.43
C ALA A 283 -6.72 -16.49 12.63
N VAL A 284 -6.55 -17.79 12.40
CA VAL A 284 -6.57 -18.82 13.50
C VAL A 284 -5.13 -19.14 13.91
N PRO A 285 -4.69 -18.76 15.14
CA PRO A 285 -3.29 -18.96 15.55
C PRO A 285 -2.78 -20.40 15.36
N SER A 286 -3.62 -21.41 15.67
CA SER A 286 -3.27 -22.85 15.55
C SER A 286 -2.96 -23.23 14.09
N GLN A 287 -3.46 -22.49 13.11
CA GLN A 287 -3.29 -22.86 11.68
C GLN A 287 -2.06 -22.18 11.06
N ARG A 288 -1.37 -21.28 11.76
CA ARG A 288 -0.14 -20.65 11.22
C ARG A 288 0.93 -21.72 11.19
N PRO A 289 1.94 -21.65 10.29
CA PRO A 289 3.10 -22.51 10.39
C PRO A 289 3.89 -22.24 11.68
N THR A 290 4.68 -23.20 12.13
CA THR A 290 5.66 -23.01 13.24
C THR A 290 6.97 -22.46 12.66
N PHE A 291 7.85 -21.93 13.50
CA PHE A 291 9.20 -21.50 13.06
C PHE A 291 9.95 -22.73 12.55
N LYS A 292 9.73 -23.91 13.13
CA LYS A 292 10.35 -25.16 12.64
C LYS A 292 9.97 -25.40 11.17
N GLN A 293 8.69 -25.21 10.85
CA GLN A 293 8.15 -25.38 9.48
C GLN A 293 8.75 -24.28 8.56
N LEU A 294 8.78 -23.02 9.02
CA LEU A 294 9.30 -21.88 8.20
C LEU A 294 10.79 -22.12 7.89
N VAL A 295 11.55 -22.64 8.85
CA VAL A 295 13.00 -22.91 8.63
C VAL A 295 13.18 -23.94 7.52
N GLU A 296 12.42 -25.05 7.56
CA GLU A 296 12.47 -26.13 6.54
C GLU A 296 12.08 -25.55 5.16
N ASP A 297 10.98 -24.82 5.10
CA ASP A 297 10.48 -24.26 3.82
C ASP A 297 11.50 -23.26 3.29
N LEU A 298 11.99 -22.35 4.15
CA LEU A 298 12.94 -21.30 3.67
C LEU A 298 14.26 -21.96 3.24
N ASP A 299 14.69 -23.02 3.91
CA ASP A 299 15.90 -23.78 3.52
C ASP A 299 15.79 -24.26 2.07
N ARG A 300 14.70 -24.93 1.73
CA ARG A 300 14.41 -25.44 0.35
C ARG A 300 14.40 -24.25 -0.64
N ILE A 301 13.70 -23.16 -0.30
CA ILE A 301 13.51 -22.01 -1.22
C ILE A 301 14.87 -21.34 -1.48
N VAL A 302 15.74 -21.20 -0.47
CA VAL A 302 17.08 -20.57 -0.66
C VAL A 302 17.82 -21.32 -1.78
N ALA A 303 17.95 -22.64 -1.64
CA ALA A 303 18.65 -23.55 -2.58
C ALA A 303 18.11 -23.38 -4.01
N LEU A 304 16.83 -23.04 -4.18
CA LEU A 304 16.19 -22.96 -5.52
C LEU A 304 16.09 -21.51 -6.01
N THR A 305 16.56 -20.52 -5.24
CA THR A 305 16.45 -19.07 -5.59
C THR A 305 17.74 -18.62 -6.27
N SER A 306 17.61 -17.90 -7.40
CA SER A 306 18.72 -17.39 -8.24
C SER A 306 19.45 -16.25 -7.52
N ASN A 307 20.79 -16.24 -7.57
CA ASN A 307 21.61 -15.08 -7.12
C ASN A 307 22.06 -14.25 -8.33
N GLN A 308 21.51 -14.51 -9.54
CA GLN A 308 21.91 -13.83 -10.80
C GLN A 308 21.16 -12.50 -10.97
N GLU A 309 20.04 -12.33 -10.26
CA GLU A 309 19.40 -11.01 -9.99
C GLU A 309 18.69 -11.08 -8.63
N VAL B 4 -35.60 30.85 -16.85
CA VAL B 4 -36.10 30.54 -18.24
C VAL B 4 -36.73 29.15 -18.25
N SER B 5 -36.13 28.18 -17.55
CA SER B 5 -36.42 26.72 -17.61
C SER B 5 -37.51 26.30 -16.62
N GLU B 6 -38.09 27.23 -15.86
CA GLU B 6 -39.10 26.92 -14.79
C GLU B 6 -40.32 26.26 -15.43
N TYR B 7 -40.79 26.76 -16.59
CA TYR B 7 -42.08 26.38 -17.21
C TYR B 7 -41.87 25.62 -18.52
N GLU B 8 -40.83 25.94 -19.29
CA GLU B 8 -40.51 25.15 -20.52
C GLU B 8 -39.02 25.30 -20.84
N LEU B 9 -38.43 24.24 -21.38
CA LEU B 9 -37.02 24.22 -21.85
C LEU B 9 -36.97 24.66 -23.31
N PRO B 10 -35.87 25.37 -23.72
CA PRO B 10 -35.60 25.59 -25.14
C PRO B 10 -35.66 24.25 -25.88
N GLU B 11 -36.15 24.24 -27.12
CA GLU B 11 -36.14 23.00 -27.94
C GLU B 11 -34.87 22.92 -28.80
N ASP B 12 -34.40 21.70 -29.07
CA ASP B 12 -33.28 21.40 -30.01
C ASP B 12 -33.71 20.20 -30.85
N PRO B 13 -34.37 20.44 -32.01
CA PRO B 13 -34.90 19.35 -32.85
C PRO B 13 -33.91 18.28 -33.28
N ARG B 14 -32.63 18.65 -33.46
CA ARG B 14 -31.52 17.73 -33.85
C ARG B 14 -31.42 16.56 -32.86
N TRP B 15 -31.68 16.81 -31.57
CA TRP B 15 -31.50 15.82 -30.48
C TRP B 15 -32.84 15.32 -29.92
N GLU B 16 -33.95 16.00 -30.21
CA GLU B 16 -35.24 15.72 -29.53
C GLU B 16 -35.76 14.36 -29.96
N LEU B 17 -36.13 13.51 -28.99
CA LEU B 17 -36.81 12.21 -29.22
C LEU B 17 -38.22 12.27 -28.63
N PRO B 18 -39.26 11.89 -29.41
CA PRO B 18 -40.60 11.67 -28.88
C PRO B 18 -40.65 10.72 -27.68
N ARG B 19 -41.38 11.10 -26.62
CA ARG B 19 -41.53 10.33 -25.36
C ARG B 19 -42.12 8.95 -25.66
N ASP B 20 -42.98 8.84 -26.67
CA ASP B 20 -43.64 7.56 -27.05
C ASP B 20 -42.60 6.57 -27.56
N ARG B 21 -41.42 7.05 -27.98
CA ARG B 21 -40.33 6.22 -28.54
C ARG B 21 -39.28 5.89 -27.46
N LEU B 22 -39.59 6.10 -26.18
CA LEU B 22 -38.72 5.75 -25.02
C LEU B 22 -39.52 4.96 -23.98
N VAL B 23 -39.00 3.80 -23.56
CA VAL B 23 -39.59 2.93 -22.50
C VAL B 23 -38.61 2.82 -21.33
N LEU B 24 -38.92 3.46 -20.20
CA LEU B 24 -38.05 3.52 -18.99
C LEU B 24 -38.05 2.14 -18.30
N GLY B 25 -36.96 1.81 -17.60
CA GLY B 25 -36.72 0.48 -16.99
C GLY B 25 -36.10 0.60 -15.62
N LYS B 26 -35.31 -0.39 -15.21
CA LYS B 26 -34.67 -0.50 -13.87
C LYS B 26 -33.62 0.61 -13.71
N PRO B 27 -33.29 1.02 -12.46
CA PRO B 27 -32.21 1.97 -12.20
C PRO B 27 -30.79 1.40 -12.38
N LEU B 28 -29.85 2.25 -12.81
N LEU B 28 -29.79 2.29 -12.53
CA LEU B 28 -28.40 1.95 -12.96
CA LEU B 28 -28.35 1.96 -12.77
C LEU B 28 -27.63 2.76 -11.92
C LEU B 28 -27.44 2.79 -11.84
N GLY B 29 -28.34 3.48 -11.04
N GLY B 29 -26.25 2.25 -11.53
CA GLY B 29 -27.73 4.29 -9.96
CA GLY B 29 -25.08 2.97 -10.96
C GLY B 29 -28.45 5.62 -9.77
C GLY B 29 -25.17 3.18 -9.45
N GLU B 30 -28.07 6.33 -8.71
N GLU B 30 -25.99 2.39 -8.76
CA GLU B 30 -28.60 7.67 -8.36
CA GLU B 30 -26.23 2.46 -7.29
C GLU B 30 -27.52 8.43 -7.57
C GLU B 30 -26.45 3.92 -6.84
N GLY B 31 -27.50 9.76 -7.71
N GLY B 31 -26.94 4.79 -7.73
CA GLY B 31 -26.59 10.67 -6.99
CA GLY B 31 -27.18 6.22 -7.47
C GLY B 31 -27.38 11.61 -6.10
C GLY B 31 -25.92 7.06 -7.46
N ALA B 32 -26.88 12.83 -5.91
N ALA B 32 -24.76 6.51 -7.83
CA ALA B 32 -27.44 13.87 -5.00
CA ALA B 32 -23.47 7.25 -7.92
C ALA B 32 -28.92 14.10 -5.33
C ALA B 32 -23.62 8.42 -8.90
N PHE B 33 -29.22 14.56 -6.55
N PHE B 33 -24.39 8.21 -9.97
CA PHE B 33 -30.60 14.90 -7.01
CA PHE B 33 -24.56 9.19 -11.07
C PHE B 33 -30.82 14.46 -8.46
C PHE B 33 -25.96 9.79 -11.01
N GLY B 34 -30.03 13.49 -8.94
N GLY B 34 -26.55 9.82 -9.81
CA GLY B 34 -30.18 12.84 -10.27
CA GLY B 34 -27.94 10.27 -9.60
C GLY B 34 -30.21 11.34 -10.14
C GLY B 34 -28.95 9.33 -10.22
N GLN B 35 -30.81 10.66 -11.12
N GLN B 35 -30.10 9.85 -10.65
CA GLN B 35 -30.87 9.17 -11.19
CA GLN B 35 -31.20 9.03 -11.22
C GLN B 35 -30.69 8.74 -12.65
C GLN B 35 -30.83 8.68 -12.67
N VAL B 36 -30.14 7.54 -12.85
CA VAL B 36 -29.88 6.97 -14.19
C VAL B 36 -30.68 5.66 -14.27
N VAL B 37 -31.43 5.47 -15.35
CA VAL B 37 -32.27 4.25 -15.55
C VAL B 37 -31.90 3.60 -16.89
N LEU B 38 -31.93 2.27 -16.92
CA LEU B 38 -31.93 1.51 -18.18
C LEU B 38 -33.25 1.83 -18.89
N ALA B 39 -33.23 1.95 -20.22
CA ALA B 39 -34.41 2.22 -21.04
C ALA B 39 -34.24 1.61 -22.43
N GLU B 40 -35.35 1.54 -23.15
CA GLU B 40 -35.42 1.05 -24.55
C GLU B 40 -35.84 2.24 -25.41
N ALA B 41 -35.02 2.56 -26.41
CA ALA B 41 -35.24 3.68 -27.34
C ALA B 41 -35.58 3.09 -28.71
N ILE B 42 -36.80 3.37 -29.20
CA ILE B 42 -37.31 2.93 -30.54
C ILE B 42 -36.91 3.97 -31.58
N GLY B 43 -36.11 3.56 -32.57
CA GLY B 43 -35.78 4.36 -33.76
C GLY B 43 -35.08 5.65 -33.43
N LEU B 44 -33.90 5.57 -32.80
CA LEU B 44 -32.98 6.71 -32.52
C LEU B 44 -32.49 7.33 -33.84
N ASP B 45 -32.36 6.53 -34.89
CA ASP B 45 -31.70 6.88 -36.19
C ASP B 45 -32.72 6.78 -37.33
N ASN B 50 -37.58 2.10 -36.24
CA ASN B 50 -38.28 0.91 -35.67
C ASN B 50 -37.29 -0.02 -34.94
N ARG B 51 -35.97 0.20 -35.04
CA ARG B 51 -34.93 -0.52 -34.25
C ARG B 51 -34.96 -0.05 -32.79
N VAL B 52 -34.93 -0.99 -31.82
CA VAL B 52 -34.89 -0.72 -30.36
C VAL B 52 -33.44 -0.79 -29.87
N THR B 53 -32.94 0.27 -29.24
CA THR B 53 -31.60 0.33 -28.59
C THR B 53 -31.78 0.35 -27.07
N LYS B 54 -31.01 -0.47 -26.35
CA LYS B 54 -30.84 -0.33 -24.88
C LYS B 54 -29.99 0.93 -24.63
N VAL B 55 -30.51 1.88 -23.85
CA VAL B 55 -29.84 3.18 -23.57
C VAL B 55 -29.87 3.41 -22.06
N ALA B 56 -29.07 4.37 -21.60
CA ALA B 56 -29.10 4.90 -20.21
C ALA B 56 -29.77 6.27 -20.25
N VAL B 57 -30.67 6.52 -19.31
CA VAL B 57 -31.40 7.80 -19.25
C VAL B 57 -31.11 8.47 -17.90
N LYS B 58 -30.59 9.68 -17.97
CA LYS B 58 -30.40 10.51 -16.76
C LYS B 58 -31.57 11.50 -16.65
N MET B 59 -32.09 11.68 -15.44
CA MET B 59 -33.22 12.58 -15.16
C MET B 59 -33.08 13.12 -13.73
N LEU B 60 -33.84 14.15 -13.38
CA LEU B 60 -33.89 14.66 -11.99
C LEU B 60 -34.62 13.65 -11.09
N LYS B 61 -34.27 13.66 -9.81
CA LYS B 61 -35.07 13.00 -8.76
C LYS B 61 -36.24 13.94 -8.42
N SER B 62 -37.27 13.42 -7.78
CA SER B 62 -38.53 14.15 -7.47
C SER B 62 -38.26 15.29 -6.49
N ASP B 63 -37.15 15.23 -5.73
CA ASP B 63 -36.78 16.30 -4.76
C ASP B 63 -35.84 17.34 -5.38
N ALA B 64 -35.58 17.34 -6.69
CA ALA B 64 -34.60 18.24 -7.33
C ALA B 64 -35.12 19.68 -7.36
N THR B 65 -34.20 20.65 -7.43
CA THR B 65 -34.46 22.11 -7.45
C THR B 65 -34.17 22.66 -8.85
N GLU B 66 -34.47 23.94 -9.08
CA GLU B 66 -34.18 24.68 -10.35
C GLU B 66 -32.67 24.61 -10.65
N LYS B 67 -31.82 24.61 -9.63
CA LYS B 67 -30.34 24.58 -9.78
C LYS B 67 -29.92 23.18 -10.22
N ASP B 68 -30.60 22.13 -9.77
CA ASP B 68 -30.36 20.73 -10.24
C ASP B 68 -30.75 20.62 -11.72
N LEU B 69 -31.85 21.23 -12.15
CA LEU B 69 -32.27 21.22 -13.57
C LEU B 69 -31.21 21.94 -14.41
N SER B 70 -30.79 23.12 -13.96
CA SER B 70 -29.74 23.96 -14.61
C SER B 70 -28.45 23.14 -14.81
N ASP B 71 -28.06 22.32 -13.82
CA ASP B 71 -26.87 21.42 -13.87
C ASP B 71 -27.08 20.31 -14.91
N LEU B 72 -28.25 19.68 -14.93
CA LEU B 72 -28.50 18.59 -15.91
C LEU B 72 -28.51 19.15 -17.34
N ILE B 73 -29.08 20.35 -17.55
CA ILE B 73 -29.11 20.98 -18.90
C ILE B 73 -27.66 21.30 -19.33
N SER B 74 -26.83 21.87 -18.45
CA SER B 74 -25.40 22.17 -18.71
C SER B 74 -24.64 20.91 -19.09
N GLU B 75 -24.91 19.78 -18.40
CA GLU B 75 -24.24 18.48 -18.67
C GLU B 75 -24.57 18.08 -20.11
N MET B 76 -25.86 18.13 -20.47
CA MET B 76 -26.35 17.76 -21.82
C MET B 76 -25.72 18.70 -22.86
N GLU B 77 -25.72 20.00 -22.60
CA GLU B 77 -25.16 21.02 -23.54
C GLU B 77 -23.65 20.81 -23.71
N MET B 78 -22.93 20.48 -22.64
CA MET B 78 -21.46 20.22 -22.73
C MET B 78 -21.21 18.96 -23.59
N MET B 79 -22.05 17.93 -23.45
CA MET B 79 -21.95 16.70 -24.28
C MET B 79 -22.18 17.02 -25.76
N LYS B 80 -23.14 17.89 -26.10
CA LYS B 80 -23.30 18.37 -27.50
C LYS B 80 -21.99 19.03 -28.00
N MET B 81 -21.42 19.97 -27.24
CA MET B 81 -20.22 20.73 -27.66
C MET B 81 -19.00 19.80 -27.80
N ILE B 82 -18.90 18.77 -26.96
CA ILE B 82 -17.71 17.87 -26.91
C ILE B 82 -17.74 16.92 -28.12
N GLY B 83 -18.93 16.46 -28.51
CA GLY B 83 -19.10 15.55 -29.66
C GLY B 83 -18.70 14.12 -29.34
N LYS B 84 -18.67 13.27 -30.37
CA LYS B 84 -18.66 11.80 -30.27
C LYS B 84 -17.23 11.25 -30.26
N HIS B 85 -16.98 10.25 -29.43
CA HIS B 85 -15.72 9.47 -29.44
C HIS B 85 -16.04 8.08 -28.89
N LYS B 86 -15.39 7.06 -29.44
CA LYS B 86 -15.64 5.64 -29.09
C LYS B 86 -15.38 5.39 -27.59
N ASN B 87 -14.49 6.16 -26.95
CA ASN B 87 -14.02 5.89 -25.56
C ASN B 87 -14.58 6.92 -24.57
N ILE B 88 -15.73 7.51 -24.88
CA ILE B 88 -16.55 8.33 -23.93
C ILE B 88 -18.00 7.85 -24.05
N ILE B 89 -18.79 8.01 -22.98
CA ILE B 89 -20.26 7.79 -22.99
C ILE B 89 -20.87 8.92 -23.85
N ASN B 90 -21.49 8.56 -24.98
CA ASN B 90 -21.98 9.55 -25.98
C ASN B 90 -23.45 9.90 -25.70
N LEU B 91 -23.80 11.17 -25.97
CA LEU B 91 -25.19 11.68 -26.02
C LEU B 91 -25.87 11.14 -27.27
N LEU B 92 -27.03 10.51 -27.07
CA LEU B 92 -27.84 9.89 -28.14
C LEU B 92 -29.12 10.69 -28.38
N GLY B 93 -29.59 11.47 -27.41
CA GLY B 93 -30.86 12.21 -27.54
C GLY B 93 -31.36 12.79 -26.24
N ALA B 94 -32.54 13.40 -26.28
CA ALA B 94 -33.14 14.06 -25.10
C ALA B 94 -34.65 14.25 -25.33
N CYS B 95 -35.45 13.97 -24.29
CA CYS B 95 -36.85 14.47 -24.15
C CYS B 95 -36.82 15.70 -23.27
N THR B 96 -37.01 16.87 -23.86
CA THR B 96 -36.89 18.18 -23.17
C THR B 96 -38.27 18.85 -23.05
N GLN B 97 -39.24 18.44 -23.88
CA GLN B 97 -40.54 19.17 -24.02
C GLN B 97 -41.66 18.41 -23.28
N ASP B 98 -42.64 19.13 -22.74
CA ASP B 98 -43.90 18.53 -22.22
C ASP B 98 -43.56 17.43 -21.20
N GLY B 99 -42.84 17.77 -20.13
CA GLY B 99 -42.58 16.84 -19.02
C GLY B 99 -41.10 16.74 -18.69
N PRO B 100 -40.71 15.85 -17.76
CA PRO B 100 -39.37 15.89 -17.17
C PRO B 100 -38.25 15.71 -18.21
N LEU B 101 -37.12 16.36 -17.95
CA LEU B 101 -35.92 16.29 -18.83
C LEU B 101 -35.33 14.89 -18.74
N TYR B 102 -35.26 14.19 -19.87
CA TYR B 102 -34.54 12.90 -20.02
C TYR B 102 -33.34 13.12 -20.94
N VAL B 103 -32.15 12.78 -20.46
CA VAL B 103 -30.90 12.88 -21.26
C VAL B 103 -30.48 11.46 -21.56
N ILE B 104 -30.52 11.12 -22.83
CA ILE B 104 -30.39 9.72 -23.29
C ILE B 104 -28.94 9.55 -23.74
N VAL B 105 -28.23 8.59 -23.15
CA VAL B 105 -26.79 8.35 -23.44
C VAL B 105 -26.57 6.86 -23.64
N GLU B 106 -25.36 6.48 -24.07
CA GLU B 106 -24.99 5.08 -24.34
C GLU B 106 -25.07 4.26 -23.06
N TYR B 107 -25.54 3.01 -23.20
CA TYR B 107 -25.59 2.01 -22.12
C TYR B 107 -24.31 1.16 -22.16
N ALA B 108 -23.64 0.99 -21.02
CA ALA B 108 -22.47 0.12 -20.84
C ALA B 108 -22.88 -1.02 -19.91
N SER B 109 -23.18 -2.19 -20.49
CA SER B 109 -23.81 -3.34 -19.80
C SER B 109 -22.88 -3.98 -18.77
N LYS B 110 -21.56 -3.79 -18.88
CA LYS B 110 -20.59 -4.55 -18.04
C LYS B 110 -20.13 -3.72 -16.83
N GLY B 111 -20.82 -2.62 -16.50
CA GLY B 111 -20.64 -1.82 -15.28
C GLY B 111 -19.37 -0.96 -15.32
N ASN B 112 -18.92 -0.49 -14.16
CA ASN B 112 -17.70 0.37 -14.09
C ASN B 112 -16.46 -0.53 -14.12
N LEU B 113 -15.31 0.03 -14.46
CA LEU B 113 -14.04 -0.70 -14.67
C LEU B 113 -13.53 -1.34 -13.36
N ARG B 114 -13.71 -0.72 -12.19
CA ARG B 114 -13.33 -1.31 -10.87
C ARG B 114 -14.00 -2.69 -10.71
N GLU B 115 -15.32 -2.74 -10.81
CA GLU B 115 -16.14 -3.98 -10.70
C GLU B 115 -15.71 -4.97 -11.79
N TYR B 116 -15.51 -4.48 -13.02
CA TYR B 116 -15.12 -5.32 -14.20
C TYR B 116 -13.79 -6.03 -13.92
N LEU B 117 -12.79 -5.32 -13.37
CA LEU B 117 -11.47 -5.89 -13.02
C LEU B 117 -11.62 -6.89 -11.86
N GLN B 118 -12.37 -6.48 -10.83
CA GLN B 118 -12.53 -7.24 -9.57
C GLN B 118 -13.16 -8.61 -9.87
N ALA B 119 -14.12 -8.66 -10.80
CA ALA B 119 -14.87 -9.89 -11.16
C ALA B 119 -14.00 -10.80 -12.04
N ARG B 120 -12.86 -10.32 -12.54
CA ARG B 120 -12.02 -11.07 -13.49
C ARG B 120 -10.62 -11.36 -12.92
N ARG B 121 -10.44 -11.27 -11.60
CA ARG B 121 -9.13 -11.56 -10.98
C ARG B 121 -9.05 -13.07 -10.78
N PRO B 122 -7.90 -13.71 -11.09
CA PRO B 122 -7.80 -15.17 -11.13
C PRO B 122 -8.11 -15.86 -9.79
N PRO B 123 -8.12 -17.22 -9.75
CA PRO B 123 -8.08 -17.95 -8.49
C PRO B 123 -6.72 -17.81 -7.80
N GLU B 137 -14.04 -15.43 -18.14
CA GLU B 137 -13.32 -14.19 -18.52
C GLU B 137 -12.22 -13.89 -17.49
N GLN B 138 -10.96 -14.08 -17.88
CA GLN B 138 -9.76 -13.57 -17.16
C GLN B 138 -9.09 -12.60 -18.12
N LEU B 139 -8.36 -11.61 -17.60
CA LEU B 139 -7.69 -10.60 -18.47
C LEU B 139 -6.21 -10.96 -18.61
N SER B 140 -5.70 -10.92 -19.84
CA SER B 140 -4.26 -11.00 -20.16
C SER B 140 -3.56 -9.69 -19.80
N SER B 141 -2.23 -9.70 -19.74
CA SER B 141 -1.35 -8.51 -19.66
C SER B 141 -1.72 -7.55 -20.79
N LYS B 142 -1.95 -8.06 -22.01
CA LYS B 142 -2.29 -7.24 -23.20
C LYS B 142 -3.65 -6.56 -22.98
N ASP B 143 -4.63 -7.29 -22.44
CA ASP B 143 -5.99 -6.77 -22.12
C ASP B 143 -5.88 -5.59 -21.16
N LEU B 144 -5.05 -5.71 -20.12
CA LEU B 144 -4.90 -4.65 -19.08
C LEU B 144 -4.26 -3.39 -19.69
N VAL B 145 -3.22 -3.52 -20.51
CA VAL B 145 -2.59 -2.32 -21.12
C VAL B 145 -3.60 -1.69 -22.10
N SER B 146 -4.39 -2.53 -22.77
CA SER B 146 -5.41 -2.15 -23.77
C SER B 146 -6.47 -1.29 -23.07
N CYS B 147 -6.92 -1.74 -21.91
N CYS B 147 -6.95 -1.73 -21.89
CA CYS B 147 -7.81 -0.96 -21.00
CA CYS B 147 -7.82 -0.93 -21.00
C CYS B 147 -7.21 0.43 -20.77
C CYS B 147 -7.20 0.45 -20.80
N ALA B 148 -5.94 0.50 -20.36
CA ALA B 148 -5.23 1.78 -20.07
C ALA B 148 -5.15 2.62 -21.35
N TYR B 149 -4.83 2.02 -22.50
CA TYR B 149 -4.77 2.69 -23.82
C TYR B 149 -6.12 3.34 -24.16
N GLN B 150 -7.20 2.56 -24.09
CA GLN B 150 -8.57 3.03 -24.44
C GLN B 150 -8.95 4.22 -23.56
N VAL B 151 -8.68 4.13 -22.26
CA VAL B 151 -8.98 5.24 -21.31
C VAL B 151 -8.12 6.46 -21.68
N ALA B 152 -6.83 6.27 -22.00
CA ALA B 152 -5.95 7.39 -22.41
C ALA B 152 -6.52 8.05 -23.67
N ARG B 153 -7.04 7.26 -24.61
CA ARG B 153 -7.57 7.74 -25.91
C ARG B 153 -8.84 8.56 -25.67
N GLY B 154 -9.65 8.13 -24.71
CA GLY B 154 -10.89 8.84 -24.33
C GLY B 154 -10.52 10.17 -23.73
N MET B 155 -9.54 10.16 -22.83
CA MET B 155 -9.07 11.38 -22.14
C MET B 155 -8.38 12.34 -23.11
N GLU B 156 -7.57 11.85 -24.06
CA GLU B 156 -6.91 12.67 -25.11
C GLU B 156 -8.00 13.43 -25.89
N TYR B 157 -9.06 12.72 -26.26
CA TYR B 157 -10.21 13.30 -27.01
C TYR B 157 -10.84 14.40 -26.15
N LEU B 158 -11.16 14.08 -24.89
CA LEU B 158 -11.80 15.05 -23.99
C LEU B 158 -10.88 16.25 -23.81
N ALA B 159 -9.58 16.04 -23.57
CA ALA B 159 -8.62 17.14 -23.38
C ALA B 159 -8.54 18.00 -24.66
N SER B 160 -8.70 17.41 -25.84
CA SER B 160 -8.71 18.10 -27.16
C SER B 160 -9.96 18.98 -27.29
N LYS B 161 -10.97 18.76 -26.44
CA LYS B 161 -12.25 19.52 -26.45
C LYS B 161 -12.34 20.37 -25.18
N LYS B 162 -11.21 20.64 -24.52
CA LYS B 162 -11.09 21.54 -23.34
C LYS B 162 -11.88 21.01 -22.14
N CYS B 163 -12.14 19.71 -22.09
CA CYS B 163 -12.89 19.07 -20.98
C CYS B 163 -11.88 18.56 -19.94
N ILE B 164 -11.95 19.12 -18.74
CA ILE B 164 -11.21 18.63 -17.55
C ILE B 164 -12.20 17.78 -16.73
N HIS B 165 -11.85 16.53 -16.47
CA HIS B 165 -12.75 15.55 -15.81
C HIS B 165 -12.86 15.90 -14.33
N ARG B 166 -11.72 15.93 -13.63
CA ARG B 166 -11.57 16.31 -12.19
C ARG B 166 -11.85 15.10 -11.26
N ASP B 167 -12.45 14.00 -11.73
CA ASP B 167 -12.58 12.76 -10.92
C ASP B 167 -12.35 11.53 -11.80
N LEU B 168 -11.25 11.52 -12.54
CA LEU B 168 -10.90 10.33 -13.36
C LEU B 168 -10.48 9.25 -12.38
N ALA B 169 -11.17 8.11 -12.45
CA ALA B 169 -10.99 6.95 -11.55
C ALA B 169 -11.73 5.79 -12.21
N ALA B 170 -11.36 4.55 -11.89
CA ALA B 170 -11.95 3.35 -12.51
C ALA B 170 -13.48 3.38 -12.33
N ARG B 171 -13.97 3.93 -11.22
CA ARG B 171 -15.43 4.01 -10.94
C ARG B 171 -16.14 4.84 -12.04
N ASN B 172 -15.43 5.74 -12.74
CA ASN B 172 -16.03 6.68 -13.72
C ASN B 172 -15.65 6.25 -15.14
N VAL B 173 -15.17 5.01 -15.28
CA VAL B 173 -14.96 4.35 -16.61
C VAL B 173 -15.97 3.22 -16.69
N LEU B 174 -16.76 3.19 -17.76
CA LEU B 174 -17.77 2.12 -17.93
C LEU B 174 -17.28 1.22 -19.06
N VAL B 175 -17.79 -0.01 -19.07
CA VAL B 175 -17.36 -1.09 -20.00
C VAL B 175 -18.62 -1.61 -20.72
N THR B 176 -18.58 -1.64 -22.05
CA THR B 176 -19.70 -2.09 -22.93
C THR B 176 -19.68 -3.61 -23.07
N GLU B 177 -20.78 -4.16 -23.61
CA GLU B 177 -20.94 -5.59 -23.96
C GLU B 177 -19.68 -6.10 -24.67
N ASP B 178 -19.13 -5.30 -25.58
CA ASP B 178 -17.95 -5.65 -26.42
C ASP B 178 -16.65 -5.13 -25.80
N ASN B 179 -16.63 -4.89 -24.49
CA ASN B 179 -15.41 -4.59 -23.69
C ASN B 179 -14.74 -3.30 -24.14
N VAL B 180 -15.50 -2.32 -24.65
CA VAL B 180 -14.97 -0.97 -24.95
C VAL B 180 -15.01 -0.13 -23.67
N MET B 181 -13.91 0.55 -23.34
CA MET B 181 -13.78 1.49 -22.20
C MET B 181 -14.40 2.84 -22.61
N LYS B 182 -15.29 3.38 -21.78
CA LYS B 182 -16.01 4.66 -22.03
C LYS B 182 -15.94 5.50 -20.76
N ILE B 183 -15.29 6.67 -20.87
CA ILE B 183 -15.19 7.66 -19.78
C ILE B 183 -16.62 8.14 -19.52
N ALA B 184 -17.03 8.16 -18.26
CA ALA B 184 -18.37 8.65 -17.85
C ALA B 184 -18.21 9.89 -16.98
N ASP B 185 -19.26 10.70 -16.90
CA ASP B 185 -19.41 11.77 -15.88
C ASP B 185 -18.41 12.90 -16.15
N PHE B 186 -18.11 13.15 -17.41
CA PHE B 186 -17.12 14.17 -17.87
C PHE B 186 -17.83 15.50 -18.09
N GLY B 187 -19.17 15.47 -18.21
CA GLY B 187 -20.00 16.63 -18.55
C GLY B 187 -20.24 17.58 -17.38
N LEU B 188 -19.90 17.17 -16.16
CA LEU B 188 -20.09 17.98 -14.91
C LEU B 188 -19.07 19.12 -14.87
N ALA B 189 -19.22 20.04 -13.90
CA ALA B 189 -18.28 21.16 -13.61
C ALA B 189 -17.77 21.04 -12.18
N ILE B 195 -15.57 21.52 -1.90
CA ILE B 195 -15.65 20.04 -2.14
C ILE B 195 -15.44 19.33 -0.80
N ASP B 196 -16.26 18.30 -0.50
CA ASP B 196 -16.27 17.57 0.80
C ASP B 196 -15.24 16.43 0.76
N TYR B 197 -14.04 16.68 1.28
CA TYR B 197 -12.88 15.74 1.28
C TYR B 197 -13.18 14.47 2.10
N TYR B 198 -14.18 14.49 2.98
CA TYR B 198 -14.49 13.36 3.91
C TYR B 198 -15.62 12.50 3.33
N LYS B 199 -16.28 12.92 2.25
CA LYS B 199 -17.41 12.14 1.67
C LYS B 199 -16.84 10.94 0.90
N LYS B 200 -17.41 9.76 1.14
CA LYS B 200 -16.95 8.49 0.54
C LYS B 200 -17.81 8.14 -0.68
N THR B 201 -17.29 7.27 -1.54
CA THR B 201 -18.03 6.63 -2.65
C THR B 201 -18.98 5.58 -2.05
N THR B 202 -19.97 5.12 -2.83
CA THR B 202 -20.82 3.94 -2.52
C THR B 202 -19.96 2.82 -1.96
N ASN B 203 -18.82 2.56 -2.63
CA ASN B 203 -17.89 1.42 -2.38
C ASN B 203 -17.13 1.65 -1.06
N GLY B 204 -17.15 2.87 -0.51
CA GLY B 204 -16.57 3.20 0.81
C GLY B 204 -15.17 3.80 0.72
N ARG B 205 -14.80 4.44 -0.40
CA ARG B 205 -13.42 4.96 -0.61
C ARG B 205 -13.43 6.49 -0.71
N LEU B 206 -12.28 7.12 -0.51
CA LEU B 206 -12.11 8.61 -0.52
C LEU B 206 -11.57 9.07 -1.87
N PRO B 207 -12.38 9.77 -2.69
CA PRO B 207 -11.95 10.31 -3.98
C PRO B 207 -10.72 11.23 -3.97
N VAL B 208 -10.42 11.88 -2.84
CA VAL B 208 -9.20 12.74 -2.69
C VAL B 208 -7.97 11.89 -3.04
N LYS B 209 -8.04 10.56 -2.98
CA LYS B 209 -6.87 9.67 -3.24
C LYS B 209 -6.53 9.63 -4.73
N TRP B 210 -7.37 10.21 -5.57
CA TRP B 210 -7.11 10.29 -7.03
C TRP B 210 -6.64 11.69 -7.46
N MET B 211 -6.62 12.67 -6.54
CA MET B 211 -6.47 14.11 -6.86
C MET B 211 -5.00 14.54 -6.86
N ALA B 212 -4.57 15.25 -7.89
CA ALA B 212 -3.22 15.86 -8.00
C ALA B 212 -2.99 16.75 -6.79
N PRO B 213 -1.73 16.86 -6.29
CA PRO B 213 -1.46 17.73 -5.15
C PRO B 213 -1.79 19.19 -5.49
N GLU B 214 -1.48 19.65 -6.70
CA GLU B 214 -1.77 21.07 -7.08
C GLU B 214 -3.29 21.30 -7.02
N ALA B 215 -4.11 20.29 -7.37
CA ALA B 215 -5.58 20.36 -7.31
C ALA B 215 -6.06 20.24 -5.86
N LEU B 216 -5.40 19.40 -5.06
CA LEU B 216 -5.79 19.13 -3.66
C LEU B 216 -5.35 20.30 -2.77
N PHE B 217 -4.11 20.76 -2.90
CA PHE B 217 -3.55 21.86 -2.06
C PHE B 217 -3.92 23.23 -2.63
N ASP B 218 -3.67 23.47 -3.93
CA ASP B 218 -3.74 24.81 -4.57
C ASP B 218 -4.97 24.96 -5.49
N ARG B 219 -5.89 23.99 -5.52
CA ARG B 219 -7.13 24.00 -6.36
C ARG B 219 -6.82 24.40 -7.82
N ILE B 220 -5.67 23.99 -8.35
CA ILE B 220 -5.32 24.12 -9.80
C ILE B 220 -5.73 22.82 -10.50
N TYR B 221 -6.85 22.83 -11.21
CA TYR B 221 -7.33 21.69 -12.05
C TYR B 221 -6.96 21.97 -13.51
N THR B 222 -6.13 21.12 -14.11
CA THR B 222 -5.71 21.20 -15.52
C THR B 222 -5.84 19.82 -16.16
N HIS B 223 -5.56 19.72 -17.46
CA HIS B 223 -5.40 18.43 -18.18
C HIS B 223 -4.28 17.62 -17.50
N GLN B 224 -3.29 18.28 -16.90
CA GLN B 224 -2.12 17.63 -16.25
C GLN B 224 -2.52 17.10 -14.86
N SER B 225 -3.47 17.70 -14.16
CA SER B 225 -4.02 17.18 -12.87
C SER B 225 -4.84 15.92 -13.14
N ASP B 226 -5.49 15.83 -14.32
CA ASP B 226 -6.17 14.61 -14.81
C ASP B 226 -5.12 13.52 -15.14
N VAL B 227 -3.94 13.91 -15.61
CA VAL B 227 -2.86 12.92 -15.92
C VAL B 227 -2.48 12.22 -14.60
N TRP B 228 -2.35 12.97 -13.51
CA TRP B 228 -2.06 12.39 -12.17
C TRP B 228 -3.12 11.32 -11.84
N SER B 229 -4.40 11.67 -12.02
CA SER B 229 -5.56 10.78 -11.74
C SER B 229 -5.43 9.52 -12.58
N PHE B 230 -5.02 9.69 -13.83
CA PHE B 230 -4.81 8.59 -14.79
C PHE B 230 -3.74 7.64 -14.25
N GLY B 231 -2.73 8.18 -13.56
CA GLY B 231 -1.68 7.38 -12.91
C GLY B 231 -2.29 6.51 -11.81
N VAL B 232 -3.19 7.05 -11.01
CA VAL B 232 -3.88 6.25 -9.97
C VAL B 232 -4.76 5.22 -10.68
N LEU B 233 -5.42 5.60 -11.77
CA LEU B 233 -6.29 4.67 -12.53
C LEU B 233 -5.43 3.53 -13.07
N LEU B 234 -4.22 3.83 -13.58
CA LEU B 234 -3.23 2.82 -14.05
C LEU B 234 -2.97 1.81 -12.91
N TRP B 235 -2.67 2.32 -11.73
CA TRP B 235 -2.44 1.50 -10.51
C TRP B 235 -3.67 0.63 -10.22
N GLU B 236 -4.89 1.18 -10.32
CA GLU B 236 -6.15 0.41 -10.13
C GLU B 236 -6.22 -0.71 -11.15
N ILE B 237 -5.86 -0.43 -12.40
CA ILE B 237 -5.92 -1.46 -13.48
C ILE B 237 -4.96 -2.59 -13.11
N PHE B 238 -3.73 -2.28 -12.70
CA PHE B 238 -2.65 -3.31 -12.59
C PHE B 238 -2.71 -3.99 -11.21
N THR B 239 -3.55 -3.50 -10.29
CA THR B 239 -3.93 -4.23 -9.04
C THR B 239 -5.29 -4.93 -9.23
N LEU B 240 -5.89 -4.86 -10.42
CA LEU B 240 -7.21 -5.47 -10.74
C LEU B 240 -8.27 -4.94 -9.78
N GLY B 241 -8.34 -3.63 -9.62
CA GLY B 241 -9.44 -2.98 -8.88
C GLY B 241 -9.08 -2.79 -7.42
N GLY B 242 -7.78 -2.70 -7.13
CA GLY B 242 -7.21 -2.43 -5.80
C GLY B 242 -7.63 -1.07 -5.25
N SER B 243 -7.63 -0.95 -3.94
CA SER B 243 -8.05 0.26 -3.20
C SER B 243 -6.81 1.08 -2.85
N PRO B 244 -6.63 2.31 -3.39
CA PRO B 244 -5.47 3.14 -3.06
C PRO B 244 -5.44 3.48 -1.56
N TYR B 245 -4.27 3.35 -0.93
CA TYR B 245 -4.05 3.81 0.48
C TYR B 245 -5.13 3.29 1.41
N PRO B 246 -5.31 1.96 1.55
CA PRO B 246 -6.41 1.43 2.36
C PRO B 246 -6.16 1.80 3.83
N GLY B 247 -7.20 2.31 4.50
CA GLY B 247 -7.18 2.70 5.93
C GLY B 247 -6.58 4.09 6.17
N VAL B 248 -6.18 4.82 5.12
CA VAL B 248 -5.53 6.16 5.26
C VAL B 248 -6.64 7.22 5.27
N PRO B 249 -6.81 7.98 6.38
CA PRO B 249 -7.74 9.12 6.39
C PRO B 249 -7.16 10.35 5.68
N VAL B 250 -8.03 11.32 5.43
CA VAL B 250 -7.73 12.56 4.66
C VAL B 250 -6.47 13.22 5.21
N GLU B 251 -6.39 13.44 6.52
CA GLU B 251 -5.30 14.22 7.18
C GLU B 251 -3.98 13.50 6.93
N GLU B 252 -3.98 12.16 6.98
CA GLU B 252 -2.76 11.35 6.78
C GLU B 252 -2.37 11.37 5.30
N LEU B 253 -3.35 11.36 4.39
CA LEU B 253 -3.04 11.43 2.93
C LEU B 253 -2.30 12.74 2.62
N PHE B 254 -2.79 13.86 3.13
CA PHE B 254 -2.14 15.20 3.01
C PHE B 254 -0.67 15.07 3.39
N LYS B 255 -0.43 14.53 4.59
CA LYS B 255 0.92 14.28 5.12
C LYS B 255 1.72 13.43 4.14
N LEU B 256 1.14 12.35 3.57
CA LEU B 256 1.86 11.47 2.61
C LEU B 256 2.27 12.25 1.35
N LEU B 257 1.35 13.04 0.79
CA LEU B 257 1.63 13.81 -0.43
C LEU B 257 2.73 14.83 -0.12
N LYS B 258 2.65 15.53 1.01
CA LYS B 258 3.69 16.50 1.47
C LYS B 258 5.07 15.82 1.48
N GLU B 259 5.18 14.60 2.00
CA GLU B 259 6.45 13.84 2.13
C GLU B 259 6.89 13.30 0.78
N GLY B 260 6.11 13.53 -0.28
CA GLY B 260 6.40 13.02 -1.63
C GLY B 260 6.21 11.51 -1.73
N HIS B 261 5.44 10.90 -0.81
CA HIS B 261 5.15 9.45 -0.84
C HIS B 261 4.57 9.08 -2.20
N ARG B 262 4.98 7.95 -2.74
CA ARG B 262 4.41 7.34 -3.97
C ARG B 262 4.08 5.88 -3.66
N MET B 263 2.94 5.39 -4.16
CA MET B 263 2.51 3.98 -4.00
C MET B 263 3.58 3.06 -4.62
N ASP B 264 3.83 1.92 -3.97
CA ASP B 264 4.73 0.84 -4.46
C ASP B 264 4.24 0.35 -5.82
N LYS B 265 5.19 -0.13 -6.63
CA LYS B 265 4.92 -0.91 -7.86
C LYS B 265 4.10 -2.14 -7.48
N PRO B 266 2.90 -2.32 -8.07
CA PRO B 266 2.13 -3.55 -7.88
C PRO B 266 2.93 -4.74 -8.44
N SER B 267 2.73 -5.95 -7.90
CA SER B 267 3.20 -7.21 -8.52
C SER B 267 2.46 -7.35 -9.86
N ASN B 268 3.03 -8.05 -10.84
CA ASN B 268 2.41 -8.17 -12.19
C ASN B 268 2.29 -6.78 -12.81
N CYS B 269 3.40 -6.04 -12.79
CA CYS B 269 3.52 -4.69 -13.41
C CYS B 269 4.98 -4.48 -13.81
N THR B 270 5.22 -4.20 -15.09
CA THR B 270 6.56 -3.98 -15.68
C THR B 270 7.16 -2.71 -15.07
N ASN B 271 8.48 -2.61 -15.01
CA ASN B 271 9.18 -1.36 -14.59
C ASN B 271 8.73 -0.19 -15.48
N GLU B 272 8.43 -0.44 -16.75
CA GLU B 272 8.08 0.58 -17.78
C GLU B 272 6.72 1.20 -17.39
N LEU B 273 5.71 0.36 -17.16
CA LEU B 273 4.35 0.82 -16.74
C LEU B 273 4.43 1.49 -15.36
N TYR B 274 5.32 1.04 -14.47
CA TYR B 274 5.49 1.72 -13.17
C TYR B 274 6.14 3.09 -13.39
N MET B 275 7.14 3.23 -14.27
CA MET B 275 7.74 4.57 -14.55
C MET B 275 6.64 5.49 -15.11
N MET B 276 5.74 4.96 -15.92
CA MET B 276 4.63 5.76 -16.52
C MET B 276 3.73 6.27 -15.39
N MET B 277 3.36 5.41 -14.44
CA MET B 277 2.63 5.84 -13.22
C MET B 277 3.43 6.92 -12.51
N ARG B 278 4.70 6.64 -12.21
CA ARG B 278 5.57 7.57 -11.46
C ARG B 278 5.67 8.90 -12.25
N ASP B 279 5.71 8.84 -13.58
CA ASP B 279 5.79 10.05 -14.46
C ASP B 279 4.48 10.85 -14.33
N CYS B 280 3.34 10.16 -14.34
CA CYS B 280 2.00 10.76 -14.10
C CYS B 280 1.97 11.44 -12.73
N TRP B 281 2.77 10.95 -11.78
CA TRP B 281 2.83 11.49 -10.40
C TRP B 281 4.02 12.45 -10.19
N HIS B 282 4.60 13.02 -11.25
CA HIS B 282 5.65 14.08 -11.09
C HIS B 282 5.01 15.23 -10.31
N ALA B 283 5.68 15.78 -9.30
CA ALA B 283 5.18 16.91 -8.48
C ALA B 283 4.99 18.16 -9.35
N VAL B 284 5.73 18.28 -10.45
CA VAL B 284 5.63 19.41 -11.43
C VAL B 284 4.76 18.98 -12.60
N PRO B 285 3.54 19.54 -12.76
CA PRO B 285 2.60 19.11 -13.81
C PRO B 285 3.13 19.14 -15.24
N SER B 286 3.98 20.13 -15.58
CA SER B 286 4.59 20.31 -16.92
C SER B 286 5.62 19.21 -17.18
N GLN B 287 6.10 18.51 -16.14
CA GLN B 287 7.04 17.38 -16.31
C GLN B 287 6.24 16.08 -16.49
N ARG B 288 4.94 16.08 -16.18
CA ARG B 288 4.07 14.90 -16.41
C ARG B 288 3.86 14.76 -17.90
N PRO B 289 3.71 13.53 -18.43
CA PRO B 289 3.36 13.37 -19.83
C PRO B 289 1.98 14.01 -20.07
N THR B 290 1.67 14.32 -21.33
CA THR B 290 0.31 14.72 -21.76
C THR B 290 -0.44 13.43 -22.12
N PHE B 291 -1.77 13.50 -22.25
CA PHE B 291 -2.59 12.35 -22.74
C PHE B 291 -2.16 11.96 -24.15
N LYS B 292 -1.74 12.93 -24.97
CA LYS B 292 -1.21 12.63 -26.32
C LYS B 292 0.02 11.72 -26.19
N GLN B 293 0.94 12.07 -25.29
CA GLN B 293 2.20 11.30 -25.04
C GLN B 293 1.86 9.94 -24.42
N LEU B 294 0.93 9.91 -23.44
CA LEU B 294 0.46 8.65 -22.82
C LEU B 294 -0.16 7.77 -23.89
N VAL B 295 -0.95 8.33 -24.81
CA VAL B 295 -1.60 7.52 -25.88
C VAL B 295 -0.50 6.92 -26.79
N GLU B 296 0.49 7.73 -27.21
CA GLU B 296 1.59 7.26 -28.11
C GLU B 296 2.33 6.08 -27.43
N ASP B 297 2.75 6.26 -26.18
CA ASP B 297 3.52 5.26 -25.38
C ASP B 297 2.68 4.01 -25.13
N LEU B 298 1.39 4.15 -24.78
CA LEU B 298 0.53 2.96 -24.49
C LEU B 298 0.25 2.22 -25.80
N ASP B 299 0.12 2.94 -26.92
CA ASP B 299 -0.03 2.29 -28.26
C ASP B 299 1.20 1.39 -28.51
N ARG B 300 2.39 1.92 -28.25
CA ARG B 300 3.67 1.17 -28.48
C ARG B 300 3.69 -0.03 -27.53
N ILE B 301 3.36 0.19 -26.24
CA ILE B 301 3.47 -0.86 -25.18
C ILE B 301 2.46 -1.98 -25.46
N VAL B 302 1.24 -1.68 -25.93
CA VAL B 302 0.21 -2.72 -26.24
C VAL B 302 0.78 -3.69 -27.28
N ALA B 303 1.36 -3.16 -28.36
CA ALA B 303 1.90 -3.91 -29.52
C ALA B 303 2.96 -4.92 -29.06
N LEU B 304 3.79 -4.55 -28.07
CA LEU B 304 4.94 -5.37 -27.58
C LEU B 304 4.53 -6.29 -26.43
N THR B 305 3.31 -6.16 -25.90
CA THR B 305 2.83 -6.92 -24.71
C THR B 305 2.21 -8.25 -25.17
N SER B 306 2.65 -9.36 -24.58
CA SER B 306 2.23 -10.76 -24.93
C SER B 306 0.74 -10.97 -24.60
N ASN B 307 0.01 -11.65 -25.49
CA ASN B 307 -1.39 -12.08 -25.29
C ASN B 307 -1.43 -13.21 -24.25
#